data_5PP0
#
_entry.id   5PP0
#
_cell.length_a   55.611
_cell.length_b   56.637
_cell.length_c   101.677
_cell.angle_alpha   90.000
_cell.angle_beta   90.000
_cell.angle_gamma   90.000
#
_symmetry.space_group_name_H-M   'P 21 21 21'
#
loop_
_entity.id
_entity.type
_entity.pdbx_description
1 polymer 'Bromodomain-containing protein 1'
2 non-polymer 'SODIUM ION'
3 non-polymer 1,2-ETHANEDIOL
4 non-polymer 2-amino-N-methylpyridine-3-carboxamide
5 water water
#
_entity_poly.entity_id   1
_entity_poly.type   'polypeptide(L)'
_entity_poly.pdbx_seq_one_letter_code
;MHHHHHHSSGVDLGTENLYFQSMEQVAMELRLTELTRLLRSVLDQLQDKDPARIFAQPVSLKEVPDYLDHIKHPMDFATM
RKRLEAQGYKNLHEFEEDFDLIIDNCMKYNARDTVFYRAAVRLRDQGGVVLRQARREVDSIGLEEASGMHLPERPA
;
_entity_poly.pdbx_strand_id   A,B
#
loop_
_chem_comp.id
_chem_comp.type
_chem_comp.name
_chem_comp.formula
8UD non-polymer 2-amino-N-methylpyridine-3-carboxamide 'C7 H9 N3 O'
EDO non-polymer 1,2-ETHANEDIOL 'C2 H6 O2'
NA non-polymer 'SODIUM ION' 'Na 1'
#
# COMPACT_ATOMS: atom_id res chain seq x y z
N SER A 22 -18.14 11.75 -30.17
CA SER A 22 -19.10 10.67 -30.36
C SER A 22 -20.14 10.66 -29.25
N MET A 23 -21.24 9.96 -29.49
CA MET A 23 -22.28 9.83 -28.49
CA MET A 23 -22.29 9.84 -28.49
C MET A 23 -21.78 9.00 -27.31
N GLU A 24 -20.99 7.97 -27.61
CA GLU A 24 -20.46 7.11 -26.57
C GLU A 24 -19.58 7.88 -25.59
N GLN A 25 -18.70 8.74 -26.12
CA GLN A 25 -17.80 9.50 -25.26
C GLN A 25 -18.55 10.40 -24.29
N VAL A 26 -19.65 10.98 -24.77
CA VAL A 26 -20.52 11.80 -23.93
C VAL A 26 -21.18 10.97 -22.82
N ALA A 27 -21.73 9.81 -23.20
CA ALA A 27 -22.33 8.89 -22.24
C ALA A 27 -21.34 8.51 -21.16
N MET A 28 -20.10 8.24 -21.59
CA MET A 28 -19.01 7.92 -20.68
C MET A 28 -18.75 9.06 -19.71
N GLU A 29 -18.74 10.29 -20.23
CA GLU A 29 -18.46 11.45 -19.42
C GLU A 29 -19.61 11.73 -18.45
N LEU A 30 -20.82 11.32 -18.83
CA LEU A 30 -21.97 11.42 -17.93
C LEU A 30 -21.80 10.48 -16.75
N ARG A 31 -21.33 9.27 -17.05
CA ARG A 31 -21.05 8.28 -16.02
CA ARG A 31 -21.03 8.26 -16.03
C ARG A 31 -20.00 8.80 -15.04
N LEU A 32 -18.86 9.21 -15.59
CA LEU A 32 -17.79 9.79 -14.79
C LEU A 32 -18.28 10.97 -13.94
N THR A 33 -19.11 11.83 -14.53
CA THR A 33 -19.65 12.97 -13.82
C THR A 33 -20.55 12.50 -12.68
N GLU A 34 -21.26 11.40 -12.92
CA GLU A 34 -22.11 10.83 -11.89
C GLU A 34 -21.28 10.18 -10.79
N LEU A 35 -20.20 9.52 -11.19
CA LEU A 35 -19.28 8.91 -10.22
C LEU A 35 -18.72 9.99 -9.33
N THR A 36 -18.31 11.08 -9.96
CA THR A 36 -17.76 12.23 -9.26
C THR A 36 -18.76 12.79 -8.27
N ARG A 37 -20.03 12.87 -8.68
CA ARG A 37 -21.09 13.33 -7.79
C ARG A 37 -21.21 12.42 -6.56
N LEU A 38 -21.19 11.11 -6.80
CA LEU A 38 -21.29 10.14 -5.70
C LEU A 38 -20.05 10.20 -4.81
N LEU A 39 -18.88 10.30 -5.42
CA LEU A 39 -17.63 10.35 -4.66
C LEU A 39 -17.53 11.64 -3.85
N ARG A 40 -18.09 12.73 -4.36
CA ARG A 40 -18.11 13.97 -3.60
C ARG A 40 -18.91 13.81 -2.32
N SER A 41 -20.04 13.09 -2.41
CA SER A 41 -20.87 12.81 -1.25
C SER A 41 -20.12 11.93 -0.25
N VAL A 42 -19.48 10.88 -0.75
CA VAL A 42 -18.64 10.02 0.09
C VAL A 42 -17.54 10.82 0.79
N LEU A 43 -16.88 11.70 0.04
CA LEU A 43 -15.77 12.47 0.60
C LEU A 43 -16.27 13.34 1.75
N ASP A 44 -17.43 13.95 1.56
CA ASP A 44 -17.98 14.80 2.61
C ASP A 44 -18.31 13.98 3.85
N GLN A 45 -18.90 12.82 3.66
CA GLN A 45 -19.24 11.94 4.76
C GLN A 45 -17.99 11.47 5.50
N LEU A 46 -16.92 11.22 4.76
CA LEU A 46 -15.67 10.78 5.38
C LEU A 46 -15.01 11.91 6.16
N GLN A 47 -15.01 13.11 5.58
CA GLN A 47 -14.37 14.23 6.24
C GLN A 47 -15.14 14.64 7.50
N ASP A 48 -16.43 14.32 7.55
CA ASP A 48 -17.21 14.61 8.75
C ASP A 48 -16.74 13.76 9.92
N LYS A 49 -16.09 12.64 9.63
CA LYS A 49 -15.57 11.76 10.66
C LYS A 49 -14.20 12.21 11.16
N ASP A 50 -13.80 13.41 10.73
CA ASP A 50 -12.55 14.06 11.15
C ASP A 50 -12.85 15.45 11.69
N PRO A 51 -13.64 15.55 12.77
CA PRO A 51 -14.05 16.89 13.20
C PRO A 51 -12.87 17.74 13.69
N ALA A 52 -11.79 17.08 14.12
CA ALA A 52 -10.59 17.79 14.54
C ALA A 52 -9.81 18.39 13.36
N ARG A 53 -10.16 17.98 12.15
CA ARG A 53 -9.51 18.42 10.90
C ARG A 53 -8.01 18.11 10.86
N ILE A 54 -7.66 16.98 11.45
CA ILE A 54 -6.29 16.49 11.46
C ILE A 54 -5.84 16.11 10.04
N PHE A 55 -6.80 15.71 9.21
CA PHE A 55 -6.48 15.20 7.87
C PHE A 55 -6.95 16.14 6.75
N ALA A 56 -7.37 17.34 7.13
CA ALA A 56 -7.92 18.31 6.20
C ALA A 56 -6.90 18.81 5.17
N GLN A 57 -5.65 18.98 5.60
CA GLN A 57 -4.65 19.61 4.75
C GLN A 57 -3.36 18.78 4.70
N PRO A 58 -2.52 19.00 3.68
CA PRO A 58 -1.21 18.33 3.66
C PRO A 58 -0.43 18.58 4.95
N VAL A 59 0.27 17.56 5.43
CA VAL A 59 1.24 17.77 6.51
C VAL A 59 2.25 18.82 6.05
N SER A 60 2.41 19.87 6.86
CA SER A 60 3.28 20.99 6.53
C SER A 60 4.76 20.63 6.47
N LEU A 61 5.40 20.85 5.32
CA LEU A 61 6.80 20.51 5.17
C LEU A 61 7.66 21.60 5.81
N LYS A 62 7.04 22.73 6.13
CA LYS A 62 7.72 23.74 6.93
C LYS A 62 7.77 23.31 8.38
N GLU A 63 6.66 22.80 8.90
CA GLU A 63 6.57 22.39 10.30
C GLU A 63 7.08 20.97 10.55
N VAL A 64 7.06 20.14 9.51
CA VAL A 64 7.62 18.80 9.59
C VAL A 64 8.60 18.60 8.42
N PRO A 65 9.80 19.20 8.52
CA PRO A 65 10.71 19.21 7.36
C PRO A 65 11.22 17.82 6.94
N ASP A 66 11.17 16.82 7.81
CA ASP A 66 11.67 15.50 7.47
C ASP A 66 10.58 14.55 6.99
N TYR A 67 9.36 15.06 6.83
CA TYR A 67 8.21 14.19 6.59
C TYR A 67 8.40 13.30 5.36
N LEU A 68 8.97 13.85 4.30
CA LEU A 68 9.10 13.12 3.04
C LEU A 68 10.19 12.05 3.12
N ASP A 69 11.04 12.12 4.14
CA ASP A 69 11.98 11.03 4.41
C ASP A 69 11.27 9.79 4.94
N HIS A 70 10.11 10.02 5.53
CA HIS A 70 9.32 8.94 6.14
C HIS A 70 8.19 8.47 5.23
N ILE A 71 7.47 9.43 4.68
CA ILE A 71 6.26 9.16 3.92
C ILE A 71 6.47 9.50 2.45
N LYS A 72 6.38 8.50 1.57
CA LYS A 72 6.72 8.71 0.17
C LYS A 72 5.55 9.20 -0.66
N HIS A 73 4.33 8.94 -0.21
CA HIS A 73 3.15 9.42 -0.92
C HIS A 73 2.16 10.07 0.03
N PRO A 74 2.42 11.35 0.38
CA PRO A 74 1.53 12.08 1.28
C PRO A 74 0.14 12.22 0.67
N MET A 75 -0.87 12.27 1.54
CA MET A 75 -2.23 12.49 1.07
C MET A 75 -3.03 13.18 2.17
N ASP A 76 -4.10 13.85 1.76
CA ASP A 76 -4.96 14.56 2.69
C ASP A 76 -6.29 14.85 2.00
N PHE A 77 -7.29 15.29 2.74
CA PHE A 77 -8.61 15.51 2.16
C PHE A 77 -8.64 16.64 1.12
N ALA A 78 -7.85 17.68 1.33
CA ALA A 78 -7.82 18.80 0.39
C ALA A 78 -7.26 18.35 -0.96
N THR A 79 -6.21 17.57 -0.92
CA THR A 79 -5.59 17.07 -2.14
C THR A 79 -6.57 16.12 -2.87
N MET A 80 -7.26 15.26 -2.12
CA MET A 80 -8.27 14.37 -2.73
C MET A 80 -9.37 15.16 -3.42
N ARG A 81 -9.80 16.23 -2.77
CA ARG A 81 -10.87 17.06 -3.32
C ARG A 81 -10.46 17.73 -4.63
N LYS A 82 -9.20 18.17 -4.72
CA LYS A 82 -8.70 18.75 -5.97
C LYS A 82 -8.77 17.74 -7.10
N ARG A 83 -8.31 16.52 -6.83
CA ARG A 83 -8.35 15.47 -7.84
C ARG A 83 -9.80 15.16 -8.20
N LEU A 84 -10.67 15.09 -7.19
CA LEU A 84 -12.09 14.81 -7.39
C LEU A 84 -12.76 15.77 -8.36
N GLU A 85 -12.53 17.06 -8.15
CA GLU A 85 -13.23 18.07 -8.95
C GLU A 85 -12.64 18.18 -10.35
N ALA A 86 -11.44 17.67 -10.54
CA ALA A 86 -10.86 17.54 -11.88
C ALA A 86 -11.30 16.23 -12.51
N GLN A 87 -12.28 15.57 -11.89
CA GLN A 87 -12.75 14.24 -12.30
C GLN A 87 -11.58 13.26 -12.50
N GLY A 88 -10.68 13.21 -11.52
CA GLY A 88 -9.47 12.40 -11.60
C GLY A 88 -9.56 11.01 -11.00
N TYR A 89 -10.73 10.66 -10.46
CA TYR A 89 -10.95 9.29 -9.98
C TYR A 89 -11.82 8.53 -10.98
N LYS A 90 -11.25 7.53 -11.63
CA LYS A 90 -11.97 6.80 -12.69
C LYS A 90 -12.87 5.70 -12.11
N ASN A 91 -12.63 5.35 -10.85
CA ASN A 91 -13.40 4.31 -10.17
C ASN A 91 -13.24 4.46 -8.66
N LEU A 92 -14.08 3.77 -7.90
CA LEU A 92 -14.03 3.85 -6.44
C LEU A 92 -12.71 3.34 -5.87
N HIS A 93 -12.13 2.33 -6.51
CA HIS A 93 -10.87 1.77 -6.03
C HIS A 93 -9.78 2.85 -5.95
N GLU A 94 -9.66 3.68 -6.97
CA GLU A 94 -8.67 4.76 -6.97
C GLU A 94 -8.90 5.72 -5.80
N PHE A 95 -10.17 6.00 -5.52
CA PHE A 95 -10.56 6.91 -4.46
C PHE A 95 -10.21 6.30 -3.10
N GLU A 96 -10.52 5.01 -2.94
CA GLU A 96 -10.22 4.30 -1.71
C GLU A 96 -8.72 4.21 -1.45
N GLU A 97 -7.93 4.07 -2.51
N GLU A 97 -7.92 4.09 -2.49
CA GLU A 97 -6.48 4.02 -2.37
CA GLU A 97 -6.46 3.99 -2.29
C GLU A 97 -5.98 5.28 -1.67
C GLU A 97 -5.86 5.29 -1.77
N ASP A 98 -6.50 6.43 -2.09
CA ASP A 98 -6.08 7.71 -1.56
C ASP A 98 -6.56 7.89 -0.12
N PHE A 99 -7.78 7.44 0.18
CA PHE A 99 -8.28 7.50 1.55
C PHE A 99 -7.41 6.63 2.44
N ASP A 100 -7.06 5.45 1.93
CA ASP A 100 -6.22 4.56 2.71
C ASP A 100 -4.84 5.16 2.95
N LEU A 101 -4.34 5.96 1.99
CA LEU A 101 -3.03 6.62 2.18
C LEU A 101 -3.07 7.57 3.36
N ILE A 102 -4.17 8.31 3.50
CA ILE A 102 -4.29 9.26 4.60
C ILE A 102 -4.11 8.53 5.92
N ILE A 103 -4.82 7.41 6.06
CA ILE A 103 -4.80 6.63 7.29
CA ILE A 103 -4.80 6.64 7.30
C ILE A 103 -3.46 5.94 7.54
N ASP A 104 -2.97 5.27 6.52
CA ASP A 104 -1.77 4.45 6.67
C ASP A 104 -0.53 5.30 6.90
N ASN A 105 -0.45 6.45 6.23
CA ASN A 105 0.67 7.36 6.43
C ASN A 105 0.70 7.82 7.87
N CYS A 106 -0.47 8.16 8.38
CA CYS A 106 -0.57 8.68 9.73
C CYS A 106 -0.19 7.64 10.79
N MET A 107 -0.59 6.39 10.57
CA MET A 107 -0.32 5.33 11.53
C MET A 107 1.13 4.86 11.47
N LYS A 108 1.87 5.25 10.43
CA LYS A 108 3.30 4.96 10.42
CA LYS A 108 3.31 5.00 10.35
C LYS A 108 4.10 6.11 11.05
N TYR A 109 3.81 7.33 10.64
CA TYR A 109 4.60 8.47 11.10
C TYR A 109 4.39 8.70 12.58
N ASN A 110 3.16 8.52 13.04
CA ASN A 110 2.84 8.83 14.44
C ASN A 110 2.76 7.58 15.30
N ALA A 111 3.25 7.68 16.53
CA ALA A 111 3.22 6.55 17.44
C ALA A 111 1.79 6.25 17.90
N ARG A 112 1.61 5.02 18.36
CA ARG A 112 0.33 4.49 18.78
C ARG A 112 -0.39 5.34 19.83
N ASP A 113 0.38 5.98 20.72
CA ASP A 113 -0.22 6.71 21.83
C ASP A 113 -0.42 8.20 21.56
N THR A 114 -0.58 8.57 20.29
CA THR A 114 -0.71 9.98 19.95
C THR A 114 -2.14 10.27 19.49
N VAL A 115 -2.54 11.53 19.61
CA VAL A 115 -3.88 11.93 19.16
C VAL A 115 -4.01 11.72 17.63
N PHE A 116 -2.91 11.87 16.91
CA PHE A 116 -2.91 11.67 15.46
C PHE A 116 -3.20 10.22 15.07
N TYR A 117 -2.47 9.29 15.68
CA TYR A 117 -2.67 7.87 15.36
C TYR A 117 -4.09 7.47 15.72
N ARG A 118 -4.56 7.90 16.89
CA ARG A 118 -5.88 7.48 17.35
C ARG A 118 -6.96 8.08 16.44
N ALA A 119 -6.70 9.26 15.92
CA ALA A 119 -7.66 9.88 14.99
C ALA A 119 -7.75 9.08 13.69
N ALA A 120 -6.63 8.57 13.21
CA ALA A 120 -6.63 7.75 12.00
C ALA A 120 -7.38 6.42 12.22
N VAL A 121 -7.21 5.82 13.39
CA VAL A 121 -7.91 4.58 13.69
C VAL A 121 -9.44 4.79 13.67
N ARG A 122 -9.87 5.87 14.30
CA ARG A 122 -11.30 6.20 14.36
C ARG A 122 -11.86 6.54 12.98
N LEU A 123 -11.09 7.26 12.18
CA LEU A 123 -11.51 7.58 10.81
C LEU A 123 -11.62 6.31 9.96
N ARG A 124 -10.66 5.40 10.10
CA ARG A 124 -10.68 4.13 9.40
CA ARG A 124 -10.72 4.14 9.37
C ARG A 124 -11.93 3.32 9.80
N ASP A 125 -12.16 3.22 11.10
CA ASP A 125 -13.29 2.43 11.60
C ASP A 125 -14.63 2.99 11.13
N GLN A 126 -14.81 4.30 11.32
CA GLN A 126 -16.07 4.94 11.00
C GLN A 126 -16.27 5.11 9.49
N GLY A 127 -15.17 5.16 8.75
CA GLY A 127 -15.24 5.36 7.32
C GLY A 127 -15.62 4.11 6.56
N GLY A 128 -15.33 2.96 7.17
CA GLY A 128 -15.61 1.67 6.54
C GLY A 128 -17.07 1.47 6.26
N VAL A 129 -17.92 1.99 7.13
CA VAL A 129 -19.37 1.90 6.96
C VAL A 129 -19.80 2.59 5.68
N VAL A 130 -19.28 3.80 5.48
CA VAL A 130 -19.57 4.64 4.33
C VAL A 130 -19.07 4.01 3.04
N LEU A 131 -17.84 3.52 3.08
CA LEU A 131 -17.22 2.90 1.92
C LEU A 131 -17.88 1.57 1.54
N ARG A 132 -18.38 0.84 2.52
CA ARG A 132 -19.11 -0.39 2.25
C ARG A 132 -20.37 -0.10 1.45
N GLN A 133 -21.07 0.97 1.84
CA GLN A 133 -22.27 1.42 1.14
C GLN A 133 -21.94 1.92 -0.27
N ALA A 134 -20.92 2.75 -0.38
CA ALA A 134 -20.51 3.32 -1.66
C ALA A 134 -20.23 2.24 -2.70
N ARG A 135 -19.51 1.19 -2.29
CA ARG A 135 -19.20 0.08 -3.19
C ARG A 135 -20.48 -0.57 -3.73
N ARG A 136 -21.46 -0.77 -2.87
CA ARG A 136 -22.73 -1.35 -3.30
C ARG A 136 -23.43 -0.43 -4.30
N GLU A 137 -23.39 0.89 -4.05
CA GLU A 137 -24.07 1.85 -4.91
C GLU A 137 -23.40 1.99 -6.29
N VAL A 138 -22.07 1.99 -6.30
CA VAL A 138 -21.31 2.06 -7.54
C VAL A 138 -21.59 0.83 -8.39
N ASP A 139 -21.68 -0.33 -7.73
CA ASP A 139 -22.01 -1.58 -8.41
C ASP A 139 -23.44 -1.60 -8.94
N SER A 140 -24.39 -1.23 -8.09
CA SER A 140 -25.80 -1.28 -8.47
C SER A 140 -26.10 -0.25 -9.57
N ILE A 141 -25.73 1.00 -9.35
CA ILE A 141 -25.96 2.05 -10.33
C ILE A 141 -25.09 1.83 -11.57
N GLY A 142 -24.01 1.09 -11.42
CA GLY A 142 -23.11 0.78 -12.51
C GLY A 142 -22.33 1.98 -13.00
N LEU A 143 -21.31 2.36 -12.24
CA LEU A 143 -20.48 3.51 -12.59
C LEU A 143 -19.03 3.12 -12.85
N SER B 22 2.59 -28.53 -26.57
CA SER B 22 2.44 -27.41 -27.50
C SER B 22 3.47 -26.34 -27.21
N MET B 23 3.79 -25.52 -28.20
N MET B 23 3.79 -25.54 -28.22
CA MET B 23 4.78 -24.47 -28.00
CA MET B 23 4.75 -24.44 -28.06
C MET B 23 4.24 -23.38 -27.07
C MET B 23 4.24 -23.40 -27.07
N GLU B 24 2.92 -23.28 -26.97
CA GLU B 24 2.30 -22.36 -26.03
C GLU B 24 2.55 -22.81 -24.57
N GLN B 25 2.49 -24.11 -24.32
CA GLN B 25 2.82 -24.65 -23.00
C GLN B 25 4.29 -24.45 -22.65
N VAL B 26 5.14 -24.69 -23.64
CA VAL B 26 6.57 -24.49 -23.46
C VAL B 26 6.85 -23.05 -23.06
N ALA B 27 6.25 -22.11 -23.77
CA ALA B 27 6.49 -20.71 -23.47
C ALA B 27 5.99 -20.34 -22.08
N MET B 28 4.87 -20.91 -21.66
CA MET B 28 4.33 -20.58 -20.34
C MET B 28 5.22 -21.12 -19.22
N GLU B 29 5.74 -22.34 -19.42
CA GLU B 29 6.60 -22.96 -18.42
C GLU B 29 7.92 -22.20 -18.35
N LEU B 30 8.44 -21.77 -19.49
CA LEU B 30 9.65 -20.95 -19.48
C LEU B 30 9.45 -19.63 -18.73
N ARG B 31 8.32 -18.96 -18.95
CA ARG B 31 8.06 -17.70 -18.24
C ARG B 31 7.93 -17.92 -16.73
N LEU B 32 7.31 -19.04 -16.35
CA LEU B 32 7.21 -19.44 -14.94
C LEU B 32 8.58 -19.65 -14.33
N THR B 33 9.45 -20.40 -14.99
CA THR B 33 10.72 -20.73 -14.38
C THR B 33 11.65 -19.51 -14.32
N GLU B 34 11.55 -18.63 -15.32
CA GLU B 34 12.39 -17.44 -15.33
C GLU B 34 11.93 -16.41 -14.29
N LEU B 35 10.62 -16.30 -14.10
CA LEU B 35 10.08 -15.48 -13.01
C LEU B 35 10.61 -15.98 -11.67
N THR B 36 10.53 -17.28 -11.45
CA THR B 36 10.97 -17.84 -10.17
C THR B 36 12.47 -17.60 -9.95
N ARG B 37 13.28 -17.76 -11.01
CA ARG B 37 14.71 -17.48 -10.93
CA ARG B 37 14.71 -17.49 -10.92
C ARG B 37 14.95 -16.04 -10.48
N LEU B 38 14.27 -15.11 -11.14
CA LEU B 38 14.38 -13.70 -10.81
C LEU B 38 13.96 -13.40 -9.36
N LEU B 39 12.80 -13.89 -8.95
CA LEU B 39 12.30 -13.59 -7.60
C LEU B 39 13.22 -14.19 -6.54
N ARG B 40 13.77 -15.37 -6.82
CA ARG B 40 14.70 -15.97 -5.86
C ARG B 40 15.92 -15.08 -5.66
N SER B 41 16.45 -14.55 -6.76
CA SER B 41 17.59 -13.64 -6.69
C SER B 41 17.24 -12.34 -5.96
N VAL B 42 16.06 -11.79 -6.27
CA VAL B 42 15.57 -10.60 -5.58
C VAL B 42 15.42 -10.84 -4.08
N LEU B 43 14.77 -11.95 -3.71
CA LEU B 43 14.59 -12.23 -2.29
C LEU B 43 15.95 -12.39 -1.57
N ASP B 44 16.92 -13.03 -2.23
N ASP B 44 16.91 -13.04 -2.23
CA ASP B 44 18.23 -13.21 -1.61
CA ASP B 44 18.23 -13.21 -1.65
C ASP B 44 18.94 -11.86 -1.44
C ASP B 44 18.89 -11.85 -1.43
N GLN B 45 18.79 -10.98 -2.43
CA GLN B 45 19.37 -9.63 -2.35
C GLN B 45 18.75 -8.84 -1.22
N LEU B 46 17.44 -9.00 -1.04
CA LEU B 46 16.74 -8.27 0.02
C LEU B 46 17.18 -8.80 1.39
N GLN B 47 17.16 -10.12 1.58
CA GLN B 47 17.55 -10.69 2.87
C GLN B 47 19.00 -10.43 3.23
N ASP B 48 19.87 -10.40 2.23
CA ASP B 48 21.28 -10.16 2.48
CA ASP B 48 21.29 -10.13 2.44
C ASP B 48 21.52 -8.79 3.13
N LYS B 49 20.55 -7.89 2.98
CA LYS B 49 20.63 -6.55 3.57
C LYS B 49 20.06 -6.49 4.98
N ASP B 50 19.68 -7.64 5.51
CA ASP B 50 19.15 -7.73 6.87
C ASP B 50 19.97 -8.74 7.68
N PRO B 51 21.26 -8.45 7.86
CA PRO B 51 22.10 -9.41 8.60
C PRO B 51 21.70 -9.56 10.06
N ALA B 52 20.99 -8.59 10.63
CA ALA B 52 20.52 -8.72 12.01
C ALA B 52 19.31 -9.64 12.13
N ARG B 53 18.78 -10.09 10.98
CA ARG B 53 17.65 -11.01 10.93
CA ARG B 53 17.65 -11.01 10.95
C ARG B 53 16.39 -10.45 11.61
N ILE B 54 16.22 -9.14 11.52
CA ILE B 54 15.03 -8.47 12.07
C ILE B 54 13.74 -8.90 11.35
N PHE B 55 13.85 -9.12 10.04
CA PHE B 55 12.69 -9.44 9.21
C PHE B 55 12.71 -10.88 8.70
N ALA B 56 13.57 -11.71 9.28
CA ALA B 56 13.78 -13.07 8.76
C ALA B 56 12.63 -14.04 9.03
N GLN B 57 12.00 -13.88 10.19
CA GLN B 57 10.99 -14.82 10.71
C GLN B 57 9.79 -14.04 11.21
N PRO B 58 8.64 -14.71 11.36
CA PRO B 58 7.47 -14.02 11.92
C PRO B 58 7.78 -13.43 13.28
N VAL B 59 7.23 -12.25 13.55
CA VAL B 59 7.34 -11.67 14.89
C VAL B 59 6.73 -12.63 15.90
N SER B 60 7.44 -12.90 16.99
CA SER B 60 6.98 -13.85 18.01
C SER B 60 5.88 -13.28 18.92
N LEU B 61 4.75 -13.96 18.98
CA LEU B 61 3.67 -13.57 19.87
C LEU B 61 4.07 -13.74 21.33
N LYS B 62 4.98 -14.66 21.59
CA LYS B 62 5.51 -14.84 22.95
C LYS B 62 6.34 -13.62 23.35
N GLU B 63 7.15 -13.13 22.41
CA GLU B 63 8.00 -11.96 22.67
C GLU B 63 7.18 -10.66 22.59
N VAL B 64 6.21 -10.62 21.68
CA VAL B 64 5.41 -9.42 21.44
C VAL B 64 3.92 -9.74 21.49
N PRO B 65 3.36 -9.86 22.70
CA PRO B 65 2.00 -10.34 22.91
C PRO B 65 0.91 -9.50 22.23
N ASP B 66 1.14 -8.21 22.04
CA ASP B 66 0.10 -7.36 21.48
C ASP B 66 0.25 -7.12 19.98
N TYR B 67 1.16 -7.84 19.33
CA TYR B 67 1.47 -7.55 17.92
C TYR B 67 0.24 -7.61 17.02
N LEU B 68 -0.55 -8.66 17.16
CA LEU B 68 -1.72 -8.84 16.31
C LEU B 68 -2.92 -7.96 16.68
N ASP B 69 -2.85 -7.28 17.83
CA ASP B 69 -3.83 -6.24 18.12
C ASP B 69 -3.75 -5.15 17.06
N HIS B 70 -2.55 -4.93 16.54
CA HIS B 70 -2.29 -3.80 15.66
C HIS B 70 -1.96 -4.18 14.23
N ILE B 71 -1.35 -5.34 14.04
CA ILE B 71 -0.94 -5.77 12.70
C ILE B 71 -1.86 -6.87 12.19
N LYS B 72 -2.64 -6.57 11.16
CA LYS B 72 -3.66 -7.50 10.69
C LYS B 72 -3.13 -8.54 9.69
N HIS B 73 -2.07 -8.22 8.98
CA HIS B 73 -1.44 -9.17 8.06
C HIS B 73 0.09 -9.22 8.20
N PRO B 74 0.57 -10.03 9.16
CA PRO B 74 2.01 -10.17 9.39
C PRO B 74 2.74 -10.72 8.18
N MET B 75 3.98 -10.31 7.99
CA MET B 75 4.79 -10.86 6.91
C MET B 75 6.27 -10.83 7.32
N ASP B 76 7.08 -11.67 6.68
CA ASP B 76 8.49 -11.85 6.96
C ASP B 76 9.15 -12.59 5.81
N PHE B 77 10.47 -12.60 5.76
CA PHE B 77 11.17 -13.17 4.62
C PHE B 77 10.99 -14.70 4.48
N ALA B 78 10.89 -15.39 5.61
CA ALA B 78 10.74 -16.85 5.54
C ALA B 78 9.39 -17.22 4.91
N THR B 79 8.36 -16.47 5.29
CA THR B 79 7.02 -16.67 4.79
C THR B 79 7.00 -16.35 3.29
N MET B 80 7.74 -15.33 2.88
CA MET B 80 7.86 -15.04 1.45
C MET B 80 8.58 -16.16 0.70
N ARG B 81 9.63 -16.69 1.29
CA ARG B 81 10.39 -17.76 0.63
C ARG B 81 9.50 -18.98 0.43
N LYS B 82 8.68 -19.28 1.41
CA LYS B 82 7.74 -20.40 1.34
C LYS B 82 6.77 -20.25 0.18
N ARG B 83 6.18 -19.05 0.06
CA ARG B 83 5.27 -18.74 -1.03
C ARG B 83 5.98 -18.80 -2.39
N LEU B 84 7.18 -18.25 -2.45
CA LEU B 84 7.94 -18.28 -3.70
C LEU B 84 8.22 -19.71 -4.17
N GLU B 85 8.72 -20.55 -3.27
CA GLU B 85 9.16 -21.89 -3.66
C GLU B 85 7.97 -22.79 -3.94
N ALA B 86 6.80 -22.40 -3.45
CA ALA B 86 5.57 -23.15 -3.69
C ALA B 86 4.84 -22.68 -4.92
N GLN B 87 5.48 -21.82 -5.72
CA GLN B 87 4.92 -21.29 -6.95
C GLN B 87 3.73 -20.37 -6.67
N GLY B 88 3.75 -19.69 -5.52
CA GLY B 88 2.64 -18.85 -5.10
C GLY B 88 2.66 -17.38 -5.52
N TYR B 89 3.72 -16.96 -6.22
CA TYR B 89 3.79 -15.62 -6.79
C TYR B 89 3.56 -15.69 -8.30
N LYS B 90 2.48 -15.08 -8.76
CA LYS B 90 2.11 -15.08 -10.18
C LYS B 90 2.87 -14.04 -10.98
N ASN B 91 3.33 -12.99 -10.30
CA ASN B 91 4.04 -11.89 -10.94
C ASN B 91 4.85 -11.09 -9.92
N LEU B 92 5.64 -10.15 -10.41
CA LEU B 92 6.51 -9.34 -9.53
C LEU B 92 5.68 -8.51 -8.55
N HIS B 93 4.54 -8.01 -9.02
CA HIS B 93 3.71 -7.15 -8.18
C HIS B 93 3.28 -7.85 -6.89
N GLU B 94 2.85 -9.11 -7.02
CA GLU B 94 2.45 -9.89 -5.84
C GLU B 94 3.58 -10.01 -4.82
N PHE B 95 4.79 -10.24 -5.33
CA PHE B 95 6.00 -10.29 -4.52
C PHE B 95 6.26 -8.92 -3.84
N GLU B 96 6.20 -7.85 -4.63
CA GLU B 96 6.38 -6.50 -4.10
CA GLU B 96 6.38 -6.50 -4.10
C GLU B 96 5.39 -6.19 -2.98
N GLU B 97 4.14 -6.63 -3.15
CA GLU B 97 3.14 -6.38 -2.11
C GLU B 97 3.50 -7.02 -0.77
N ASP B 98 4.08 -8.22 -0.79
CA ASP B 98 4.48 -8.86 0.46
C ASP B 98 5.68 -8.14 1.08
N PHE B 99 6.60 -7.68 0.24
CA PHE B 99 7.76 -6.94 0.77
C PHE B 99 7.25 -5.65 1.42
N ASP B 100 6.33 -4.97 0.75
CA ASP B 100 5.76 -3.75 1.35
C ASP B 100 5.08 -4.01 2.70
N LEU B 101 4.44 -5.17 2.85
CA LEU B 101 3.84 -5.57 4.12
C LEU B 101 4.88 -5.62 5.22
N ILE B 102 6.03 -6.24 4.92
CA ILE B 102 7.09 -6.33 5.92
C ILE B 102 7.49 -4.94 6.41
N ILE B 103 7.71 -4.03 5.47
CA ILE B 103 8.13 -2.67 5.74
C ILE B 103 7.05 -1.88 6.45
N ASP B 104 5.85 -1.91 5.89
CA ASP B 104 4.75 -1.11 6.44
C ASP B 104 4.36 -1.59 7.84
N ASN B 105 4.34 -2.91 8.06
CA ASN B 105 3.99 -3.43 9.38
C ASN B 105 4.97 -2.93 10.43
N CYS B 106 6.23 -2.92 10.06
CA CYS B 106 7.29 -2.50 10.98
C CYS B 106 7.21 -0.99 11.29
N MET B 107 6.91 -0.18 10.27
CA MET B 107 6.80 1.26 10.47
C MET B 107 5.52 1.59 11.23
N LYS B 108 4.49 0.76 11.08
CA LYS B 108 3.24 0.96 11.80
CA LYS B 108 3.25 0.96 11.80
C LYS B 108 3.36 0.59 13.27
N TYR B 109 4.00 -0.53 13.54
CA TYR B 109 4.09 -1.02 14.91
C TYR B 109 5.09 -0.25 15.76
N ASN B 110 6.20 0.18 15.16
CA ASN B 110 7.27 0.82 15.92
C ASN B 110 7.26 2.34 15.80
N ALA B 111 7.68 3.03 16.86
CA ALA B 111 7.79 4.49 16.80
C ALA B 111 8.97 4.91 15.91
N ARG B 112 8.87 6.10 15.33
CA ARG B 112 9.90 6.63 14.40
C ARG B 112 11.30 6.53 14.96
N ASP B 113 11.43 6.98 16.20
CA ASP B 113 12.72 7.09 16.84
C ASP B 113 13.07 5.77 17.52
N THR B 114 13.14 4.70 16.73
CA THR B 114 13.54 3.36 17.20
C THR B 114 14.44 2.70 16.16
N VAL B 115 15.23 1.73 16.60
CA VAL B 115 16.15 1.02 15.72
C VAL B 115 15.39 0.21 14.68
N PHE B 116 14.32 -0.44 15.10
CA PHE B 116 13.57 -1.27 14.16
C PHE B 116 12.87 -0.43 13.10
N TYR B 117 12.31 0.72 13.46
CA TYR B 117 11.68 1.59 12.46
C TYR B 117 12.73 2.07 11.46
N ARG B 118 13.87 2.52 11.96
CA ARG B 118 14.90 3.00 11.07
C ARG B 118 15.43 1.86 10.17
N ALA B 119 15.42 0.63 10.68
CA ALA B 119 15.84 -0.50 9.85
C ALA B 119 14.86 -0.70 8.68
N ALA B 120 13.57 -0.53 8.98
CA ALA B 120 12.55 -0.70 7.94
C ALA B 120 12.70 0.39 6.87
N VAL B 121 12.98 1.62 7.31
CA VAL B 121 13.19 2.71 6.36
C VAL B 121 14.44 2.44 5.49
N ARG B 122 15.48 1.93 6.13
CA ARG B 122 16.70 1.58 5.43
C ARG B 122 16.44 0.49 4.38
N LEU B 123 15.80 -0.59 4.79
CA LEU B 123 15.50 -1.69 3.88
C LEU B 123 14.52 -1.28 2.78
N ARG B 124 13.58 -0.38 3.10
CA ARG B 124 12.64 0.11 2.09
C ARG B 124 13.37 0.84 0.96
N ASP B 125 14.28 1.74 1.31
N ASP B 125 14.31 1.68 1.32
CA ASP B 125 15.10 2.45 0.31
CA ASP B 125 15.00 2.48 0.32
C ASP B 125 15.90 1.48 -0.51
C ASP B 125 16.04 1.63 -0.46
N GLN B 126 16.64 0.63 0.17
CA GLN B 126 17.52 -0.29 -0.52
C GLN B 126 16.69 -1.23 -1.40
N GLY B 127 15.59 -1.72 -0.86
CA GLY B 127 14.75 -2.64 -1.60
C GLY B 127 14.07 -1.99 -2.78
N GLY B 128 13.74 -0.71 -2.65
CA GLY B 128 13.14 0.01 -3.77
C GLY B 128 14.00 -0.06 -5.01
N VAL B 129 15.30 0.11 -4.83
CA VAL B 129 16.23 0.08 -5.94
C VAL B 129 16.29 -1.33 -6.53
N VAL B 130 16.39 -2.33 -5.67
CA VAL B 130 16.44 -3.73 -6.12
C VAL B 130 15.19 -4.05 -6.92
N LEU B 131 14.03 -3.60 -6.42
CA LEU B 131 12.75 -3.91 -7.07
C LEU B 131 12.56 -3.14 -8.37
N ARG B 132 13.06 -1.91 -8.43
CA ARG B 132 12.98 -1.18 -9.70
C ARG B 132 13.83 -1.87 -10.76
N GLN B 133 14.96 -2.43 -10.35
CA GLN B 133 15.82 -3.18 -11.26
C GLN B 133 15.14 -4.49 -11.67
N ALA B 134 14.46 -5.12 -10.73
CA ALA B 134 13.70 -6.34 -11.05
C ALA B 134 12.62 -6.04 -12.09
N ARG B 135 12.01 -4.86 -12.03
CA ARG B 135 10.97 -4.50 -13.00
C ARG B 135 11.59 -4.37 -14.40
N ARG B 136 12.78 -3.75 -14.46
CA ARG B 136 13.50 -3.65 -15.73
C ARG B 136 13.79 -5.04 -16.29
N GLU B 137 14.14 -5.98 -15.41
CA GLU B 137 14.42 -7.35 -15.85
C GLU B 137 13.16 -8.07 -16.33
N VAL B 138 12.03 -7.85 -15.66
CA VAL B 138 10.76 -8.43 -16.09
C VAL B 138 10.47 -7.97 -17.54
N ASP B 139 10.66 -6.68 -17.80
CA ASP B 139 10.42 -6.17 -19.14
C ASP B 139 11.39 -6.71 -20.18
N SER B 140 12.67 -6.80 -19.80
CA SER B 140 13.73 -7.27 -20.71
C SER B 140 13.62 -8.76 -21.03
N ILE B 141 13.30 -9.56 -20.03
CA ILE B 141 13.14 -11.00 -20.23
C ILE B 141 11.81 -11.36 -20.90
N GLY B 142 10.81 -10.51 -20.74
CA GLY B 142 9.49 -10.72 -21.33
C GLY B 142 8.53 -11.55 -20.49
N LEU B 143 8.59 -11.34 -19.17
CA LEU B 143 7.84 -12.20 -18.24
C LEU B 143 6.36 -11.86 -18.15
N GLU B 144 5.97 -10.68 -18.59
CA GLU B 144 4.57 -10.28 -18.56
C GLU B 144 4.00 -10.01 -19.96
NA NA C . 5.48 4.29 13.52
C1 EDO D . 9.40 -4.91 14.26
O1 EDO D . 8.19 -5.31 14.90
C2 EDO D . 10.00 -6.06 13.45
O2 EDO D . 9.64 -5.87 12.07
C1 EDO E . 8.25 -3.97 -8.34
O1 EDO E . 7.11 -4.47 -9.02
C2 EDO E . 8.91 -2.87 -9.18
O2 EDO E . 7.89 -2.13 -9.87
N1 8UD F . 10.04 -7.06 14.09
N3 8UD F . 8.77 -4.48 17.17
C4 8UD F . 10.30 -7.78 16.77
C5 8UD F . 10.52 -8.06 18.10
C6 8UD F . 10.16 -7.15 19.07
C7 8UD F . 9.34 -5.66 17.46
C1 8UD F . 10.00 -6.81 12.66
C2 8UD F . 9.48 -6.24 14.99
C3 8UD F . 9.69 -6.56 16.43
N2 8UD F . 9.58 -5.98 18.74
O1 8UD F . 8.83 -5.26 14.63
#